data_3T3U
#
_entry.id   3T3U
#
_cell.length_a   47.626
_cell.length_b   72.664
_cell.length_c   66.104
_cell.angle_alpha   90.000
_cell.angle_beta   99.040
_cell.angle_gamma   90.000
#
_symmetry.space_group_name_H-M   'P 1 21 1'
#
loop_
_entity.id
_entity.type
_entity.pdbx_description
1 polymer 'Calmodulin-domain protein kinase 1'
2 non-polymer 3-(6-methoxynaphthalen-2-yl)-1-(piperidin-4-ylmethyl)-1H-pyrazolo[3,4-d]pyrimidin-4-amine
3 non-polymer 'DIMETHYL SULFOXIDE'
4 non-polymer 1,2-ETHANEDIOL
5 water water
#
_entity_poly.entity_id   1
_entity_poly.type   'polypeptide(L)'
_entity_poly.pdbx_seq_one_letter_code
;GPGSMMDHLHATPGMFVQHSTAIFSDRYKGQRVLGKGSFGEVILCKDKITGQECAVKVISKRQVKQKTDKESLLREVQLL
KQLDHPNIMKLYEFFEDKGYFYLVGEVYTGGELFDEIISRKRFSEVDAARIIRQVLSGITYMHKNKIVHRDLKPENLLLE
SKSKDANIRIIDFGLSTHFEASKKMKDKIGTAYYIAPEVLHGTYDEKCDVWSTGVILYILLSGCPPFNGANEYDILKKVE
KGKYTFELPQWKKVSESAKDLIRKMLTYVPSMRISARDALDHEWIQTYTKEQISVDVPSLDNAILNIRQFQGTQKLAQAA
LLYMGSKLTSQDETKELTAIFHKMDKNGDGQLDRAELIEGYKELMRMKGQDASMLDASAVEHEVDQVLDAVDFDKNGYIE
YSEFVTVAMDRKTLLSRERLERAFRMFDSDNSGKISSTELATIFGVSDVDSETWKSVLSEVDKNNDGEVDFDEFQQMLLK
LCGN
;
_entity_poly.pdbx_strand_id   A
#
# COMPACT_ATOMS: atom_id res chain seq x y z
N ALA A 22 -20.10 19.15 14.67
CA ALA A 22 -19.27 18.86 13.46
C ALA A 22 -19.66 17.52 12.83
N ILE A 23 -20.33 17.58 11.67
CA ILE A 23 -20.64 16.37 10.89
C ILE A 23 -19.83 16.35 9.60
N PHE A 24 -19.05 15.29 9.42
CA PHE A 24 -18.19 15.14 8.22
C PHE A 24 -18.98 15.35 6.93
N SER A 25 -20.12 14.68 6.84
CA SER A 25 -20.93 14.65 5.62
C SER A 25 -21.58 16.00 5.31
N ASP A 26 -21.70 16.85 6.32
CA ASP A 26 -22.21 18.21 6.14
C ASP A 26 -21.25 19.05 5.32
N ARG A 27 -19.96 18.73 5.42
CA ARG A 27 -18.90 19.54 4.78
C ARG A 27 -18.30 18.95 3.51
N TYR A 28 -18.17 17.63 3.49
CA TYR A 28 -17.44 16.90 2.44
C TYR A 28 -18.31 15.87 1.74
N LYS A 29 -18.11 15.77 0.42
CA LYS A 29 -18.71 14.68 -0.36
C LYS A 29 -17.62 13.78 -0.91
N GLY A 30 -17.85 12.48 -0.79
CA GLY A 30 -17.03 11.46 -1.44
C GLY A 30 -17.08 11.65 -2.94
N GLN A 31 -15.91 11.57 -3.58
CA GLN A 31 -15.78 11.67 -5.03
C GLN A 31 -15.36 10.34 -5.65
N ARG A 32 -14.28 9.77 -5.12
CA ARG A 32 -13.76 8.46 -5.56
CA ARG A 32 -13.77 8.46 -5.56
C ARG A 32 -12.77 7.89 -4.55
N VAL A 33 -12.65 6.57 -4.51
CA VAL A 33 -11.71 5.94 -3.54
C VAL A 33 -10.25 6.14 -3.97
N LEU A 34 -9.38 6.34 -2.99
CA LEU A 34 -7.96 6.54 -3.28
C LEU A 34 -7.18 5.27 -3.00
N GLY A 35 -7.76 4.43 -2.16
CA GLY A 35 -7.17 3.14 -1.83
C GLY A 35 -7.52 2.70 -0.44
N LYS A 36 -7.08 1.49 -0.11
CA LYS A 36 -7.03 1.09 1.28
C LYS A 36 -5.58 1.28 1.62
N GLY A 37 -5.36 2.11 2.62
CA GLY A 37 -4.04 2.31 3.14
C GLY A 37 -4.02 1.66 4.49
N SER A 38 -3.23 2.23 5.38
CA SER A 38 -3.15 1.76 6.75
C SER A 38 -4.29 2.27 7.62
N PHE A 39 -4.80 1.36 8.44
CA PHE A 39 -5.86 1.64 9.42
C PHE A 39 -7.24 1.92 8.84
N GLY A 40 -7.33 2.02 7.51
CA GLY A 40 -8.61 2.24 6.87
C GLY A 40 -8.52 2.70 5.43
N GLU A 41 -9.69 2.90 4.83
CA GLU A 41 -9.70 3.34 3.44
C GLU A 41 -9.52 4.84 3.34
N VAL A 42 -8.87 5.24 2.25
CA VAL A 42 -8.67 6.64 1.93
C VAL A 42 -9.58 7.00 0.76
N ILE A 43 -10.41 8.01 0.98
CA ILE A 43 -11.36 8.47 -0.03
C ILE A 43 -11.05 9.91 -0.44
N LEU A 44 -10.94 10.10 -1.76
CA LEU A 44 -10.87 11.45 -2.30
C LEU A 44 -12.23 12.10 -2.06
N CYS A 45 -12.19 13.24 -1.37
CA CYS A 45 -13.39 14.01 -1.06
C CYS A 45 -13.26 15.44 -1.52
N LYS A 46 -14.40 16.10 -1.58
CA LYS A 46 -14.49 17.48 -2.02
C LYS A 46 -15.34 18.32 -1.07
N ASP A 47 -14.78 19.45 -0.66
CA ASP A 47 -15.51 20.44 0.14
C ASP A 47 -16.74 20.90 -0.64
N LYS A 48 -17.91 20.81 -0.01
CA LYS A 48 -19.21 21.14 -0.66
C LYS A 48 -19.36 22.62 -1.03
N ILE A 49 -18.61 23.47 -0.33
CA ILE A 49 -18.69 24.91 -0.56
C ILE A 49 -17.59 25.39 -1.50
N THR A 50 -16.33 25.15 -1.11
CA THR A 50 -15.17 25.71 -1.81
C THR A 50 -14.65 24.85 -2.97
N GLY A 51 -15.18 23.64 -3.11
CA GLY A 51 -14.72 22.70 -4.14
C GLY A 51 -13.35 22.05 -3.88
N GLN A 52 -12.70 22.42 -2.77
CA GLN A 52 -11.37 21.93 -2.45
C GLN A 52 -11.34 20.41 -2.31
N GLU A 53 -10.40 19.80 -3.01
CA GLU A 53 -10.19 18.35 -2.94
C GLU A 53 -9.29 17.99 -1.76
N CYS A 54 -9.57 16.85 -1.17
CA CYS A 54 -8.77 16.35 -0.06
C CYS A 54 -8.79 14.84 0.01
N ALA A 55 -7.78 14.28 0.68
CA ALA A 55 -7.72 12.84 0.95
C ALA A 55 -8.12 12.57 2.39
N VAL A 56 -9.18 11.81 2.57
CA VAL A 56 -9.68 11.56 3.92
C VAL A 56 -9.42 10.12 4.31
N LYS A 57 -8.68 9.93 5.40
CA LYS A 57 -8.49 8.60 5.95
C LYS A 57 -9.64 8.33 6.91
N VAL A 58 -10.40 7.28 6.62
CA VAL A 58 -11.51 6.86 7.46
C VAL A 58 -11.12 5.59 8.25
N ILE A 59 -11.06 5.76 9.58
CA ILE A 59 -10.72 4.69 10.51
C ILE A 59 -11.91 4.28 11.34
N SER A 60 -12.33 3.04 11.17
CA SER A 60 -13.48 2.51 11.88
C SER A 60 -13.12 2.10 13.27
N LYS A 61 -13.74 2.75 14.26
CA LYS A 61 -13.47 2.47 15.68
C LYS A 61 -13.72 1.00 16.03
N ARG A 62 -14.70 0.40 15.37
CA ARG A 62 -15.05 -1.02 15.57
C ARG A 62 -14.04 -1.99 14.97
N GLN A 63 -13.78 -1.84 13.68
CA GLN A 63 -12.84 -2.69 12.93
C GLN A 63 -11.38 -2.41 13.33
N VAL A 64 -11.13 -1.27 13.95
CA VAL A 64 -9.79 -0.94 14.47
C VAL A 64 -9.80 -0.51 15.94
N LYS A 65 -8.95 -1.17 16.73
CA LYS A 65 -8.84 -0.86 18.15
C LYS A 65 -8.03 0.42 18.34
N GLN A 66 -8.22 1.05 19.50
CA GLN A 66 -7.52 2.28 19.83
C GLN A 66 -6.60 1.99 20.99
N LYS A 67 -5.36 2.46 20.87
CA LYS A 67 -4.35 2.23 21.91
C LYS A 67 -4.56 3.13 23.13
N THR A 68 -4.77 4.41 22.86
CA THR A 68 -4.82 5.45 23.91
C THR A 68 -6.22 5.96 24.18
N ASP A 69 -6.34 6.74 25.26
CA ASP A 69 -7.57 7.46 25.58
C ASP A 69 -7.82 8.60 24.60
N LYS A 70 -9.08 9.00 24.51
CA LYS A 70 -9.53 10.00 23.52
C LYS A 70 -8.84 11.34 23.69
N GLU A 71 -8.58 11.72 24.93
CA GLU A 71 -7.94 13.01 25.24
C GLU A 71 -6.56 13.11 24.60
N SER A 72 -5.78 12.03 24.71
CA SER A 72 -4.43 11.98 24.14
C SER A 72 -4.47 12.06 22.62
N LEU A 73 -5.44 11.35 22.05
CA LEU A 73 -5.63 11.37 20.60
C LEU A 73 -6.02 12.77 20.12
N LEU A 74 -6.94 13.40 20.83
CA LEU A 74 -7.43 14.73 20.44
C LEU A 74 -6.30 15.76 20.50
N ARG A 75 -5.44 15.67 21.50
CA ARG A 75 -4.31 16.61 21.63
C ARG A 75 -3.31 16.43 20.50
N GLU A 76 -3.01 15.18 20.18
CA GLU A 76 -2.07 14.90 19.09
C GLU A 76 -2.61 15.37 17.76
N VAL A 77 -3.90 15.16 17.53
CA VAL A 77 -4.54 15.65 16.30
C VAL A 77 -4.42 17.17 16.16
N GLN A 78 -4.68 17.87 17.26
CA GLN A 78 -4.66 19.34 17.28
C GLN A 78 -3.24 19.86 17.01
N LEU A 79 -2.26 19.16 17.56
CA LEU A 79 -0.86 19.50 17.30
C LEU A 79 -0.57 19.36 15.80
N LEU A 80 -0.95 18.20 15.26
CA LEU A 80 -0.69 17.88 13.83
C LEU A 80 -1.20 18.96 12.89
N LYS A 81 -2.36 19.54 13.23
CA LYS A 81 -2.97 20.60 12.41
C LYS A 81 -2.13 21.87 12.36
N GLN A 82 -1.35 22.10 13.39
CA GLN A 82 -0.52 23.31 13.50
C GLN A 82 0.84 23.14 12.88
N LEU A 83 1.21 21.90 12.59
CA LEU A 83 2.53 21.61 12.04
C LEU A 83 2.48 21.70 10.51
N ASP A 84 3.63 22.08 9.93
CA ASP A 84 3.78 22.29 8.49
C ASP A 84 5.21 21.98 8.08
N HIS A 85 5.36 21.10 7.10
CA HIS A 85 6.66 20.78 6.54
C HIS A 85 6.43 20.28 5.12
N PRO A 86 7.30 20.65 4.18
CA PRO A 86 7.06 20.29 2.78
C PRO A 86 7.20 18.79 2.49
N ASN A 87 7.79 18.04 3.41
CA ASN A 87 7.91 16.58 3.24
C ASN A 87 6.97 15.74 4.13
N ILE A 88 6.09 16.43 4.85
CA ILE A 88 5.04 15.80 5.66
C ILE A 88 3.65 16.13 5.09
N MET A 89 2.83 15.10 4.94
CA MET A 89 1.43 15.29 4.57
C MET A 89 0.75 16.28 5.49
N LYS A 90 0.08 17.24 4.87
CA LYS A 90 -0.63 18.29 5.62
C LYS A 90 -2.01 17.80 6.09
N LEU A 91 -2.22 17.89 7.40
CA LEU A 91 -3.49 17.58 8.04
C LEU A 91 -4.30 18.84 8.23
N TYR A 92 -5.54 18.80 7.77
CA TYR A 92 -6.42 19.96 7.78
C TYR A 92 -7.43 19.89 8.89
N GLU A 93 -8.09 18.74 9.02
CA GLU A 93 -9.24 18.62 9.90
C GLU A 93 -9.46 17.22 10.41
N PHE A 94 -10.30 17.15 11.43
CA PHE A 94 -10.59 15.90 12.12
C PHE A 94 -12.06 15.83 12.50
N PHE A 95 -12.69 14.69 12.23
CA PHE A 95 -14.08 14.46 12.63
C PHE A 95 -14.24 13.09 13.26
N GLU A 96 -15.30 12.96 14.05
CA GLU A 96 -15.63 11.70 14.71
C GLU A 96 -17.12 11.52 14.72
N ASP A 97 -17.58 10.29 14.50
CA ASP A 97 -18.96 9.90 14.82
C ASP A 97 -18.95 8.58 15.60
N LYS A 98 -20.13 7.98 15.80
CA LYS A 98 -20.23 6.76 16.63
C LYS A 98 -19.31 5.66 16.12
N GLY A 99 -19.27 5.51 14.80
CA GLY A 99 -18.49 4.44 14.15
C GLY A 99 -17.04 4.77 13.79
N TYR A 100 -16.76 6.03 13.49
CA TYR A 100 -15.53 6.37 12.75
C TYR A 100 -14.77 7.62 13.15
N PHE A 101 -13.48 7.60 12.80
CA PHE A 101 -12.67 8.82 12.77
C PHE A 101 -12.47 9.20 11.31
N TYR A 102 -12.54 10.49 11.03
CA TYR A 102 -12.28 11.03 9.70
C TYR A 102 -11.12 12.01 9.76
N LEU A 103 -10.01 11.62 9.15
CA LEU A 103 -8.83 12.47 9.10
C LEU A 103 -8.69 13.09 7.72
N VAL A 104 -8.87 14.41 7.66
CA VAL A 104 -8.83 15.15 6.39
C VAL A 104 -7.45 15.74 6.11
N GLY A 105 -6.80 15.14 5.11
CA GLY A 105 -5.49 15.59 4.64
C GLY A 105 -5.45 16.06 3.19
N GLU A 106 -4.33 16.68 2.86
CA GLU A 106 -4.01 17.12 1.51
C GLU A 106 -3.81 15.92 0.62
N VAL A 107 -4.38 15.97 -0.59
CA VAL A 107 -4.23 14.89 -1.57
C VAL A 107 -2.99 15.10 -2.41
N TYR A 108 -2.25 14.02 -2.59
CA TYR A 108 -1.08 13.98 -3.47
C TYR A 108 -1.31 12.96 -4.58
N THR A 109 -0.95 13.34 -5.80
CA THR A 109 -1.44 12.65 -7.01
C THR A 109 -0.34 11.91 -7.79
N GLY A 110 0.89 12.02 -7.32
CA GLY A 110 2.06 11.47 -8.00
C GLY A 110 2.40 10.02 -7.68
N GLY A 111 1.54 9.39 -6.87
CA GLY A 111 1.69 8.00 -6.47
C GLY A 111 2.88 7.69 -5.58
N GLU A 112 3.16 6.41 -5.42
CA GLU A 112 4.20 5.97 -4.50
C GLU A 112 5.58 6.13 -5.13
N LEU A 113 6.55 6.55 -4.32
CA LEU A 113 7.91 6.83 -4.81
C LEU A 113 8.48 5.68 -5.67
N PHE A 114 8.38 4.45 -5.18
CA PHE A 114 9.02 3.30 -5.86
C PHE A 114 8.36 2.99 -7.23
N ASP A 115 7.07 3.25 -7.35
CA ASP A 115 6.34 3.02 -8.62
C ASP A 115 6.81 4.01 -9.68
N GLU A 116 7.35 5.14 -9.21
CA GLU A 116 8.03 6.10 -10.07
C GLU A 116 9.43 5.64 -10.43
N ILE A 117 10.15 5.17 -9.42
CA ILE A 117 11.56 4.80 -9.58
C ILE A 117 11.76 3.70 -10.63
N ILE A 118 10.89 2.70 -10.59
CA ILE A 118 10.96 1.55 -11.52
C ILE A 118 10.79 1.90 -13.01
N SER A 119 10.18 3.05 -13.28
CA SER A 119 10.00 3.57 -14.64
C SER A 119 11.25 4.27 -15.16
N ARG A 120 12.16 4.63 -14.26
CA ARG A 120 13.37 5.34 -14.66
C ARG A 120 14.35 4.47 -15.44
N LYS A 121 15.11 5.11 -16.30
CA LYS A 121 16.09 4.43 -17.14
C LYS A 121 17.47 4.46 -16.50
N ARG A 122 17.71 5.51 -15.74
CA ARG A 122 18.95 5.63 -14.97
C ARG A 122 18.70 6.13 -13.54
N PHE A 123 19.54 5.65 -12.61
CA PHE A 123 19.45 5.99 -11.19
C PHE A 123 20.85 5.99 -10.54
N SER A 124 21.20 7.09 -9.85
CA SER A 124 22.55 7.24 -9.30
C SER A 124 22.52 7.47 -7.79
N GLU A 125 23.70 7.62 -7.19
CA GLU A 125 23.82 7.93 -5.75
C GLU A 125 23.24 9.29 -5.44
N VAL A 126 23.35 10.20 -6.40
CA VAL A 126 22.82 11.55 -6.25
C VAL A 126 21.30 11.51 -6.15
N ASP A 127 20.68 10.68 -6.97
CA ASP A 127 19.23 10.49 -6.97
C ASP A 127 18.78 9.91 -5.64
N ALA A 128 19.43 8.83 -5.22
CA ALA A 128 19.17 8.20 -3.91
C ALA A 128 19.33 9.20 -2.77
N ALA A 129 20.35 10.05 -2.85
CA ALA A 129 20.64 11.01 -1.78
C ALA A 129 19.55 12.06 -1.65
N ARG A 130 19.06 12.54 -2.78
CA ARG A 130 18.03 13.60 -2.79
C ARG A 130 16.77 13.08 -2.12
N ILE A 131 16.38 11.87 -2.52
CA ILE A 131 15.25 11.14 -1.95
C ILE A 131 15.34 11.02 -0.43
N ILE A 132 16.50 10.58 0.06
CA ILE A 132 16.71 10.31 1.50
C ILE A 132 16.77 11.59 2.33
N ARG A 133 17.37 12.63 1.76
CA ARG A 133 17.43 13.94 2.44
C ARG A 133 16.03 14.50 2.68
N GLN A 134 15.13 14.26 1.74
CA GLN A 134 13.73 14.70 1.88
C GLN A 134 13.09 13.93 3.05
N VAL A 135 13.33 12.63 3.09
CA VAL A 135 12.73 11.80 4.11
C VAL A 135 13.29 12.17 5.47
N LEU A 136 14.60 12.31 5.54
CA LEU A 136 15.31 12.68 6.79
C LEU A 136 14.88 14.04 7.30
N SER A 137 14.61 14.94 6.36
CA SER A 137 14.17 16.29 6.69
C SER A 137 12.79 16.27 7.36
N GLY A 138 11.88 15.54 6.77
CA GLY A 138 10.52 15.42 7.31
C GLY A 138 10.54 14.76 8.67
N ILE A 139 11.35 13.70 8.78
CA ILE A 139 11.43 12.93 10.00
C ILE A 139 11.98 13.78 11.16
N THR A 140 13.03 14.54 10.86
CA THR A 140 13.67 15.41 11.84
C THR A 140 12.69 16.44 12.43
N TYR A 141 11.90 17.05 11.55
CA TYR A 141 10.86 18.00 11.97
C TYR A 141 9.82 17.34 12.87
N MET A 142 9.43 16.13 12.52
CA MET A 142 8.42 15.40 13.33
C MET A 142 8.98 14.99 14.68
N HIS A 143 10.24 14.52 14.70
CA HIS A 143 10.88 14.13 15.96
C HIS A 143 11.07 15.33 16.90
N LYS A 144 11.32 16.50 16.31
CA LYS A 144 11.41 17.75 17.10
C LYS A 144 10.14 17.98 17.89
N ASN A 145 9.04 17.54 17.31
CA ASN A 145 7.70 17.69 17.88
C ASN A 145 7.20 16.46 18.62
N LYS A 146 8.12 15.51 18.80
CA LYS A 146 7.86 14.27 19.55
C LYS A 146 6.84 13.35 18.89
N ILE A 147 6.76 13.41 17.58
CA ILE A 147 5.92 12.46 16.86
C ILE A 147 6.81 11.44 16.17
N VAL A 148 6.47 10.18 16.40
CA VAL A 148 7.18 9.03 15.83
C VAL A 148 6.30 8.37 14.78
N HIS A 149 6.89 7.83 13.72
CA HIS A 149 6.09 7.09 12.73
C HIS A 149 5.92 5.62 13.09
N ARG A 150 7.05 4.93 13.21
CA ARG A 150 7.16 3.48 13.50
C ARG A 150 6.98 2.53 12.30
N ASP A 151 6.13 2.92 11.35
CA ASP A 151 5.83 2.06 10.21
C ASP A 151 6.27 2.71 8.90
N LEU A 152 7.37 3.43 8.98
CA LEU A 152 7.95 4.03 7.78
C LEU A 152 8.36 2.92 6.81
N LYS A 153 7.87 3.08 5.58
CA LYS A 153 8.14 2.17 4.46
C LYS A 153 7.86 2.88 3.12
N PRO A 154 8.30 2.32 1.99
CA PRO A 154 8.11 2.99 0.69
C PRO A 154 6.67 3.36 0.37
N GLU A 155 5.72 2.50 0.71
CA GLU A 155 4.27 2.76 0.51
C GLU A 155 3.86 4.10 1.10
N ASN A 156 4.57 4.53 2.14
CA ASN A 156 4.28 5.77 2.87
C ASN A 156 5.00 6.99 2.36
N LEU A 157 5.68 6.83 1.24
CA LEU A 157 6.34 7.93 0.56
C LEU A 157 5.59 8.25 -0.72
N LEU A 158 4.80 9.31 -0.66
CA LEU A 158 4.03 9.78 -1.78
C LEU A 158 4.75 10.90 -2.50
N LEU A 159 4.44 11.03 -3.78
CA LEU A 159 5.01 12.06 -4.63
C LEU A 159 3.93 13.11 -4.94
N GLU A 160 4.32 14.37 -4.98
CA GLU A 160 3.35 15.42 -5.32
C GLU A 160 2.99 15.37 -6.81
N SER A 161 3.93 14.90 -7.63
CA SER A 161 3.65 14.54 -9.03
C SER A 161 4.57 13.38 -9.49
N LYS A 162 4.08 12.60 -10.47
CA LYS A 162 4.80 11.42 -10.95
C LYS A 162 5.96 11.83 -11.83
N SER A 163 7.03 12.17 -11.13
CA SER A 163 8.23 12.72 -11.73
C SER A 163 9.39 12.55 -10.77
N LYS A 164 10.58 12.40 -11.32
CA LYS A 164 11.78 12.25 -10.49
C LYS A 164 12.15 13.57 -9.81
N ASP A 165 11.57 14.66 -10.31
CA ASP A 165 11.78 16.01 -9.73
C ASP A 165 10.78 16.38 -8.62
N ALA A 166 9.71 15.60 -8.49
CA ALA A 166 8.64 15.92 -7.53
C ALA A 166 9.09 15.80 -6.07
N ASN A 167 8.43 16.57 -5.20
CA ASN A 167 8.65 16.46 -3.76
C ASN A 167 7.99 15.23 -3.15
N ILE A 168 8.65 14.72 -2.11
CA ILE A 168 8.17 13.56 -1.33
C ILE A 168 7.35 14.05 -0.14
N ARG A 169 6.20 13.42 0.05
CA ARG A 169 5.39 13.64 1.24
C ARG A 169 5.24 12.36 2.00
N ILE A 170 5.66 12.39 3.26
CA ILE A 170 5.47 11.23 4.15
C ILE A 170 4.05 11.22 4.72
N ILE A 171 3.39 10.08 4.53
CA ILE A 171 2.07 9.83 5.10
C ILE A 171 2.11 8.87 6.30
N ASP A 172 1.07 8.97 7.12
CA ASP A 172 0.82 8.16 8.34
C ASP A 172 1.67 8.44 9.58
N PHE A 173 2.41 9.54 9.62
CA PHE A 173 3.03 9.96 10.89
C PHE A 173 2.04 10.03 12.06
N GLY A 174 2.41 9.41 13.16
CA GLY A 174 1.65 9.51 14.41
C GLY A 174 0.49 8.55 14.59
N LEU A 175 0.11 7.83 13.54
CA LEU A 175 -1.03 6.89 13.65
C LEU A 175 -0.78 5.69 14.57
N SER A 176 0.42 5.13 14.51
CA SER A 176 0.76 3.91 15.24
C SER A 176 0.67 4.09 16.75
N THR A 177 0.83 5.31 17.23
CA THR A 177 0.76 5.59 18.67
C THR A 177 -0.64 5.40 19.26
N HIS A 178 -1.67 5.67 18.45
CA HIS A 178 -3.08 5.67 18.93
C HIS A 178 -3.92 4.50 18.40
N PHE A 179 -3.47 3.91 17.30
CA PHE A 179 -4.19 2.81 16.65
C PHE A 179 -3.38 1.53 16.50
N GLU A 180 -4.08 0.40 16.64
CA GLU A 180 -3.46 -0.91 16.45
C GLU A 180 -3.48 -1.27 14.98
N ALA A 181 -2.37 -1.82 14.51
CA ALA A 181 -2.22 -2.22 13.12
C ALA A 181 -3.07 -3.43 12.80
N SER A 182 -3.61 -3.45 11.58
CA SER A 182 -4.33 -4.63 11.06
C SER A 182 -3.38 -5.81 10.96
N LYS A 183 -3.82 -6.95 11.49
CA LYS A 183 -3.04 -8.21 11.43
C LYS A 183 -3.34 -9.02 10.15
N LYS A 184 -4.28 -8.52 9.36
CA LYS A 184 -4.58 -9.12 8.05
C LYS A 184 -3.35 -8.99 7.15
N MET A 185 -3.01 -10.08 6.45
CA MET A 185 -1.79 -10.11 5.64
C MET A 185 -1.84 -9.12 4.47
N LYS A 186 -3.03 -8.90 3.91
CA LYS A 186 -3.17 -7.92 2.82
C LYS A 186 -2.68 -6.55 3.26
N ASP A 187 -2.95 -6.24 4.52
CA ASP A 187 -2.46 -5.03 5.18
C ASP A 187 -0.98 -5.12 5.59
N LYS A 188 -0.61 -6.29 6.08
CA LYS A 188 0.76 -6.59 6.57
C LYS A 188 1.89 -6.74 5.53
N ILE A 189 1.54 -6.99 4.27
CA ILE A 189 2.56 -7.33 3.26
C ILE A 189 3.63 -6.28 3.24
N GLY A 190 4.86 -6.75 3.21
CA GLY A 190 6.01 -5.88 2.99
C GLY A 190 6.47 -5.14 4.23
N THR A 191 5.75 -5.25 5.33
CA THR A 191 6.10 -4.48 6.53
C THR A 191 7.38 -4.97 7.21
N ALA A 192 7.68 -6.27 7.12
CA ALA A 192 8.78 -6.86 7.88
C ALA A 192 10.17 -6.29 7.56
N TYR A 193 10.37 -5.86 6.32
CA TYR A 193 11.70 -5.43 5.87
C TYR A 193 12.17 -4.18 6.60
N TYR A 194 11.23 -3.34 7.00
CA TYR A 194 11.53 -1.98 7.44
C TYR A 194 11.47 -1.76 8.94
N ILE A 195 10.90 -2.71 9.67
CA ILE A 195 10.62 -2.52 11.10
CA ILE A 195 10.63 -2.51 11.11
C ILE A 195 11.91 -2.63 11.93
N ALA A 196 12.08 -1.70 12.87
CA ALA A 196 13.28 -1.72 13.73
C ALA A 196 13.21 -2.92 14.69
N PRO A 197 14.34 -3.50 15.02
CA PRO A 197 14.35 -4.64 15.92
C PRO A 197 13.74 -4.35 17.29
N GLU A 198 13.94 -3.14 17.77
CA GLU A 198 13.47 -2.76 19.11
C GLU A 198 11.96 -2.60 19.14
N VAL A 199 11.36 -2.33 17.98
CA VAL A 199 9.89 -2.28 17.85
C VAL A 199 9.32 -3.69 18.10
N LEU A 200 10.00 -4.68 17.54
CA LEU A 200 9.61 -6.10 17.70
C LEU A 200 9.59 -6.51 19.17
N HIS A 201 10.58 -6.04 19.90
CA HIS A 201 10.76 -6.39 21.31
C HIS A 201 9.96 -5.48 22.25
N GLY A 202 9.44 -4.37 21.73
CA GLY A 202 8.48 -3.56 22.49
C GLY A 202 8.94 -2.24 23.09
N THR A 203 10.24 -2.08 23.35
CA THR A 203 10.78 -0.78 23.84
C THR A 203 11.33 0.03 22.67
N TYR A 204 10.62 1.07 22.28
CA TYR A 204 11.09 1.89 21.16
C TYR A 204 10.78 3.37 21.34
N ASP A 205 11.54 4.15 20.56
CA ASP A 205 11.44 5.62 20.53
C ASP A 205 11.62 6.09 19.10
N GLU A 206 11.90 7.38 18.91
CA GLU A 206 12.02 7.97 17.58
C GLU A 206 13.15 7.38 16.72
N LYS A 207 14.14 6.76 17.35
CA LYS A 207 15.24 6.16 16.59
C LYS A 207 14.80 5.05 15.61
N CYS A 208 13.66 4.42 15.89
CA CYS A 208 13.13 3.36 15.02
C CYS A 208 12.92 3.85 13.60
N ASP A 209 12.61 5.15 13.46
CA ASP A 209 12.36 5.77 12.15
C ASP A 209 13.65 6.01 11.35
N VAL A 210 14.75 6.19 12.06
CA VAL A 210 16.06 6.25 11.42
C VAL A 210 16.42 4.87 10.84
N TRP A 211 16.11 3.82 11.59
CA TRP A 211 16.37 2.46 11.13
C TRP A 211 15.63 2.17 9.83
N SER A 212 14.33 2.44 9.84
CA SER A 212 13.51 2.21 8.65
C SER A 212 14.05 2.98 7.47
N THR A 213 14.48 4.22 7.71
CA THR A 213 15.03 5.04 6.62
C THR A 213 16.31 4.45 6.08
N GLY A 214 17.10 3.89 6.98
CA GLY A 214 18.35 3.21 6.60
C GLY A 214 18.04 2.00 5.75
N VAL A 215 16.96 1.30 6.06
CA VAL A 215 16.58 0.12 5.25
C VAL A 215 16.20 0.57 3.84
N ILE A 216 15.44 1.65 3.79
CA ILE A 216 15.03 2.22 2.50
C ILE A 216 16.26 2.70 1.69
N LEU A 217 17.23 3.30 2.36
CA LEU A 217 18.43 3.78 1.66
C LEU A 217 19.21 2.60 1.06
N TYR A 218 19.35 1.55 1.85
CA TYR A 218 20.00 0.31 1.43
C TYR A 218 19.38 -0.28 0.15
N ILE A 219 18.06 -0.22 0.09
CA ILE A 219 17.31 -0.77 -1.05
C ILE A 219 17.50 0.08 -2.31
N LEU A 220 17.58 1.39 -2.11
CA LEU A 220 17.75 2.37 -3.19
C LEU A 220 19.11 2.18 -3.87
N LEU A 221 20.10 1.89 -3.05
CA LEU A 221 21.48 1.78 -3.52
C LEU A 221 21.81 0.40 -4.08
N SER A 222 20.99 -0.60 -3.74
CA SER A 222 21.27 -2.00 -4.10
C SER A 222 20.13 -2.76 -4.75
N GLY A 223 18.90 -2.29 -4.53
CA GLY A 223 17.69 -2.95 -5.04
C GLY A 223 17.26 -4.18 -4.25
N CYS A 224 17.96 -4.45 -3.15
CA CYS A 224 17.71 -5.65 -2.33
C CYS A 224 17.56 -5.26 -0.86
N PRO A 225 16.54 -5.77 -0.16
CA PRO A 225 16.45 -5.48 1.27
C PRO A 225 17.67 -6.04 2.03
N PRO A 226 18.18 -5.30 3.01
CA PRO A 226 19.32 -5.80 3.80
C PRO A 226 18.94 -7.01 4.63
N PHE A 227 17.71 -7.03 5.10
CA PHE A 227 17.18 -8.18 5.86
C PHE A 227 16.08 -8.84 5.03
N ASN A 228 16.44 -9.98 4.44
CA ASN A 228 15.56 -10.65 3.48
C ASN A 228 15.25 -12.10 3.88
N GLY A 229 14.24 -12.67 3.25
CA GLY A 229 13.78 -14.00 3.64
C GLY A 229 12.60 -14.48 2.83
N ALA A 230 12.27 -15.76 2.97
CA ALA A 230 11.24 -16.41 2.16
C ALA A 230 9.82 -16.03 2.61
N ASN A 231 9.69 -15.66 3.87
CA ASN A 231 8.40 -15.33 4.46
C ASN A 231 8.59 -14.34 5.60
N GLU A 232 7.48 -13.95 6.20
CA GLU A 232 7.49 -12.93 7.22
C GLU A 232 8.40 -13.31 8.39
N TYR A 233 8.22 -14.51 8.93
CA TYR A 233 9.03 -14.92 10.09
C TYR A 233 10.52 -14.91 9.77
N ASP A 234 10.85 -15.39 8.58
CA ASP A 234 12.24 -15.46 8.12
C ASP A 234 12.89 -14.09 8.11
N ILE A 235 12.16 -13.12 7.57
CA ILE A 235 12.63 -11.75 7.49
C ILE A 235 12.80 -11.17 8.91
N LEU A 236 11.77 -11.33 9.73
CA LEU A 236 11.79 -10.82 11.12
C LEU A 236 12.94 -11.42 11.97
N LYS A 237 13.26 -12.66 11.70
CA LYS A 237 14.36 -13.37 12.33
C LYS A 237 15.69 -12.69 12.00
N LYS A 238 15.84 -12.26 10.74
CA LYS A 238 17.05 -11.56 10.31
C LYS A 238 17.15 -10.17 10.92
N VAL A 239 16.02 -9.46 10.95
CA VAL A 239 15.99 -8.10 11.48
C VAL A 239 16.40 -8.12 12.95
N GLU A 240 15.83 -9.06 13.66
CA GLU A 240 16.08 -9.21 15.09
C GLU A 240 17.55 -9.52 15.41
N LYS A 241 18.15 -10.36 14.59
CA LYS A 241 19.57 -10.67 14.73
C LYS A 241 20.38 -9.41 14.38
N GLY A 242 19.85 -8.63 13.45
CA GLY A 242 20.45 -7.32 13.12
C GLY A 242 21.67 -7.36 12.22
N LYS A 243 22.03 -8.53 11.72
CA LYS A 243 23.21 -8.66 10.86
C LYS A 243 22.83 -8.45 9.40
N TYR A 244 23.67 -7.69 8.73
CA TYR A 244 23.55 -7.43 7.29
C TYR A 244 24.94 -7.13 6.70
N THR A 245 25.05 -7.22 5.38
CA THR A 245 26.33 -7.00 4.69
C THR A 245 26.23 -6.19 3.40
N PHE A 246 27.39 -5.79 2.90
CA PHE A 246 27.54 -5.17 1.58
C PHE A 246 28.21 -6.15 0.59
N GLU A 247 27.93 -7.44 0.76
CA GLU A 247 28.61 -8.50 -0.02
C GLU A 247 28.22 -8.52 -1.49
N LEU A 248 26.97 -8.17 -1.78
CA LEU A 248 26.43 -8.20 -3.15
C LEU A 248 27.30 -7.39 -4.12
N PRO A 249 27.44 -7.85 -5.37
CA PRO A 249 28.39 -7.24 -6.30
C PRO A 249 28.15 -5.76 -6.53
N GLN A 250 26.88 -5.37 -6.61
CA GLN A 250 26.50 -3.99 -6.93
C GLN A 250 26.91 -2.97 -5.85
N TRP A 251 27.30 -3.45 -4.68
CA TRP A 251 27.86 -2.56 -3.63
C TRP A 251 29.28 -2.06 -3.95
N LYS A 252 29.93 -2.71 -4.92
CA LYS A 252 31.23 -2.23 -5.42
C LYS A 252 31.09 -0.86 -6.08
N LYS A 253 29.95 -0.64 -6.73
CA LYS A 253 29.67 0.65 -7.42
C LYS A 253 29.29 1.80 -6.48
N VAL A 254 29.21 1.53 -5.18
CA VAL A 254 28.73 2.52 -4.21
C VAL A 254 29.85 3.09 -3.35
N SER A 255 29.75 4.38 -3.05
CA SER A 255 30.75 5.08 -2.24
C SER A 255 30.80 4.60 -0.81
N GLU A 256 31.99 4.71 -0.23
CA GLU A 256 32.24 4.34 1.16
C GLU A 256 31.43 5.23 2.10
N SER A 257 31.26 6.47 1.67
CA SER A 257 30.48 7.46 2.41
C SER A 257 29.02 7.03 2.59
N ALA A 258 28.41 6.53 1.52
CA ALA A 258 27.03 6.03 1.60
C ALA A 258 26.97 4.85 2.57
N LYS A 259 27.88 3.90 2.40
CA LYS A 259 27.96 2.71 3.24
C LYS A 259 28.09 3.06 4.74
N ASP A 260 28.89 4.08 5.01
CA ASP A 260 29.14 4.59 6.37
C ASP A 260 27.88 5.13 7.05
N LEU A 261 27.09 5.88 6.30
CA LEU A 261 25.80 6.41 6.81
C LEU A 261 24.85 5.27 7.08
N ILE A 262 24.81 4.31 6.18
CA ILE A 262 23.93 3.16 6.34
C ILE A 262 24.26 2.43 7.63
N ARG A 263 25.54 2.31 7.94
CA ARG A 263 25.99 1.61 9.15
C ARG A 263 25.49 2.34 10.39
N LYS A 264 25.60 3.66 10.34
CA LYS A 264 25.14 4.49 11.44
C LYS A 264 23.62 4.42 11.60
N MET A 265 22.90 4.30 10.50
CA MET A 265 21.45 4.27 10.56
C MET A 265 20.95 2.89 11.00
N LEU A 266 21.72 1.86 10.66
CA LEU A 266 21.36 0.48 10.98
C LEU A 266 22.12 -0.05 12.20
N THR A 267 22.57 0.87 13.05
CA THR A 267 23.19 0.48 14.31
C THR A 267 22.13 -0.13 15.22
N TYR A 268 22.48 -1.23 15.86
CA TYR A 268 21.49 -2.05 16.55
C TYR A 268 20.87 -1.37 17.77
N VAL A 269 21.73 -0.88 18.64
CA VAL A 269 21.27 -0.27 19.89
C VAL A 269 20.89 1.17 19.62
N PRO A 270 19.64 1.52 19.89
CA PRO A 270 19.12 2.81 19.40
C PRO A 270 19.87 4.02 19.93
N SER A 271 20.35 3.94 21.17
CA SER A 271 21.10 5.06 21.76
C SER A 271 22.42 5.29 21.03
N MET A 272 22.95 4.24 20.42
CA MET A 272 24.19 4.32 19.61
C MET A 272 23.87 4.66 18.14
N ARG A 273 22.62 4.49 17.78
CA ARG A 273 22.17 4.79 16.42
C ARG A 273 22.08 6.27 16.21
N ILE A 274 22.53 6.70 15.04
CA ILE A 274 22.53 8.09 14.65
C ILE A 274 21.11 8.67 14.61
N SER A 275 21.00 9.95 14.97
CA SER A 275 19.72 10.67 14.94
C SER A 275 19.36 11.14 13.54
N ALA A 276 18.08 11.46 13.33
CA ALA A 276 17.62 11.98 12.04
C ALA A 276 18.31 13.32 11.72
N ARG A 277 18.44 14.16 12.73
CA ARG A 277 19.10 15.48 12.58
C ARG A 277 20.54 15.36 12.14
N ASP A 278 21.28 14.52 12.83
CA ASP A 278 22.71 14.29 12.54
C ASP A 278 22.90 13.55 11.22
N ALA A 279 21.91 12.75 10.82
CA ALA A 279 22.00 12.04 9.53
C ALA A 279 21.92 13.03 8.35
N LEU A 280 21.14 14.11 8.52
CA LEU A 280 21.11 15.22 7.52
C LEU A 280 22.48 15.87 7.36
N ASP A 281 23.22 15.97 8.46
CA ASP A 281 24.56 16.59 8.47
C ASP A 281 25.65 15.71 7.85
N HIS A 282 25.33 14.45 7.59
CA HIS A 282 26.33 13.47 7.12
C HIS A 282 26.93 13.86 5.77
N GLU A 283 28.23 13.60 5.65
CA GLU A 283 29.07 13.93 4.47
C GLU A 283 28.43 13.49 3.15
N TRP A 284 27.85 12.30 3.16
CA TRP A 284 27.15 11.75 2.00
C TRP A 284 25.98 12.61 1.57
N ILE A 285 25.19 13.05 2.54
CA ILE A 285 23.99 13.84 2.24
C ILE A 285 24.44 15.20 1.69
N GLN A 286 25.37 15.82 2.40
CA GLN A 286 25.92 17.12 2.02
CA GLN A 286 25.92 17.12 2.02
C GLN A 286 26.54 17.06 0.63
N THR A 287 27.42 16.10 0.44
CA THR A 287 28.18 15.93 -0.82
C THR A 287 27.29 15.66 -2.03
N TYR A 288 26.34 14.75 -1.87
CA TYR A 288 25.60 14.19 -3.02
C TYR A 288 24.27 14.89 -3.34
N THR A 289 23.82 15.78 -2.46
CA THR A 289 22.55 16.51 -2.71
C THR A 289 22.80 17.92 -3.18
N LYS A 290 24.07 18.22 -3.47
CA LYS A 290 24.45 19.48 -4.10
CA LYS A 290 24.43 19.49 -4.09
C LYS A 290 23.58 19.66 -5.34
N GLU A 291 23.01 20.85 -5.50
CA GLU A 291 22.21 21.19 -6.70
C GLU A 291 23.05 20.91 -7.94
N GLN A 292 24.28 21.39 -7.90
CA GLN A 292 25.28 21.14 -8.94
C GLN A 292 25.98 19.82 -8.72
N ILE A 293 25.73 18.86 -9.61
CA ILE A 293 26.36 17.53 -9.53
C ILE A 293 27.85 17.61 -9.90
N SER A 294 28.70 17.51 -8.88
CA SER A 294 30.15 17.63 -9.04
C SER A 294 30.84 16.27 -9.16
N VAL A 295 30.26 15.29 -8.48
CA VAL A 295 30.88 13.95 -8.34
C VAL A 295 30.41 12.99 -9.43
N ASP A 296 31.16 11.89 -9.59
CA ASP A 296 30.82 10.82 -10.56
C ASP A 296 29.46 10.23 -10.28
N VAL A 297 28.68 10.07 -11.34
CA VAL A 297 27.30 9.59 -11.24
C VAL A 297 27.06 8.37 -12.15
N PRO A 298 27.76 7.27 -11.90
CA PRO A 298 27.48 6.04 -12.64
C PRO A 298 26.10 5.50 -12.29
N SER A 299 25.37 5.11 -13.33
CA SER A 299 24.03 4.57 -13.16
C SER A 299 24.07 3.24 -12.45
N LEU A 300 23.38 3.16 -11.32
CA LEU A 300 23.32 1.93 -10.53
C LEU A 300 22.35 0.97 -11.23
N ASP A 301 22.84 0.36 -12.32
CA ASP A 301 21.98 -0.37 -13.26
C ASP A 301 21.43 -1.65 -12.67
N ASN A 302 22.27 -2.38 -11.94
CA ASN A 302 21.85 -3.62 -11.29
C ASN A 302 20.80 -3.36 -10.19
N ALA A 303 21.00 -2.29 -9.43
CA ALA A 303 20.05 -1.84 -8.40
C ALA A 303 18.66 -1.56 -9.00
N ILE A 304 18.62 -0.90 -10.15
CA ILE A 304 17.34 -0.62 -10.85
C ILE A 304 16.61 -1.90 -11.23
N LEU A 305 17.36 -2.82 -11.84
CA LEU A 305 16.81 -4.12 -12.23
C LEU A 305 16.29 -4.85 -11.00
N ASN A 306 17.09 -4.82 -9.94
CA ASN A 306 16.69 -5.42 -8.65
C ASN A 306 15.51 -4.70 -8.02
N ILE A 307 15.51 -3.39 -8.05
CA ILE A 307 14.39 -2.64 -7.50
C ILE A 307 13.08 -2.93 -8.24
N ARG A 308 13.16 -3.05 -9.56
CA ARG A 308 11.98 -3.38 -10.37
C ARG A 308 11.47 -4.76 -10.03
N GLN A 309 12.40 -5.68 -9.84
CA GLN A 309 12.04 -7.05 -9.44
C GLN A 309 11.38 -7.08 -8.06
N PHE A 310 11.90 -6.26 -7.17
CA PHE A 310 11.43 -6.17 -5.80
C PHE A 310 10.01 -5.61 -5.78
N GLN A 311 9.83 -4.47 -6.43
CA GLN A 311 8.55 -3.79 -6.47
C GLN A 311 7.47 -4.68 -7.11
N GLY A 312 7.84 -5.30 -8.23
CA GLY A 312 6.95 -6.19 -8.97
C GLY A 312 6.46 -7.34 -8.13
N THR A 313 7.40 -7.96 -7.42
CA THR A 313 7.08 -9.05 -6.50
C THR A 313 6.14 -8.62 -5.41
N GLN A 314 6.48 -7.50 -4.76
CA GLN A 314 5.66 -6.94 -3.68
C GLN A 314 4.26 -6.61 -4.20
N LYS A 315 4.18 -6.07 -5.41
CA LYS A 315 2.90 -5.59 -5.95
C LYS A 315 2.03 -6.78 -6.38
N LEU A 316 2.66 -7.81 -6.92
CA LEU A 316 1.93 -9.02 -7.32
C LEU A 316 1.40 -9.80 -6.09
N ALA A 317 2.21 -9.89 -5.05
CA ALA A 317 1.78 -10.57 -3.81
C ALA A 317 0.57 -9.86 -3.20
N GLN A 318 0.63 -8.54 -3.16
CA GLN A 318 -0.46 -7.71 -2.63
C GLN A 318 -1.73 -7.81 -3.49
N ALA A 319 -1.56 -7.78 -4.79
CA ALA A 319 -2.67 -7.89 -5.72
C ALA A 319 -3.34 -9.26 -5.58
N ALA A 320 -2.52 -10.30 -5.36
CA ALA A 320 -3.00 -11.67 -5.17
C ALA A 320 -3.92 -11.78 -3.95
N LEU A 321 -3.47 -11.22 -2.84
CA LEU A 321 -4.27 -11.21 -1.59
C LEU A 321 -5.56 -10.38 -1.72
N LEU A 322 -5.44 -9.21 -2.34
CA LEU A 322 -6.62 -8.35 -2.58
C LEU A 322 -7.62 -9.07 -3.49
N TYR A 323 -7.12 -9.76 -4.49
CA TYR A 323 -7.98 -10.50 -5.43
C TYR A 323 -8.76 -11.61 -4.72
N MET A 324 -8.06 -12.34 -3.86
CA MET A 324 -8.71 -13.39 -3.08
C MET A 324 -9.73 -12.79 -2.10
N GLY A 325 -9.36 -11.67 -1.49
CA GLY A 325 -10.27 -10.94 -0.59
C GLY A 325 -11.54 -10.46 -1.27
N SER A 326 -11.38 -9.89 -2.46
CA SER A 326 -12.52 -9.35 -3.23
C SER A 326 -13.43 -10.45 -3.74
N LYS A 327 -12.84 -11.60 -4.03
CA LYS A 327 -13.62 -12.77 -4.43
C LYS A 327 -14.59 -13.21 -3.33
N LEU A 328 -14.07 -13.33 -2.11
CA LEU A 328 -14.91 -13.72 -0.97
C LEU A 328 -16.02 -12.69 -0.70
N THR A 329 -15.64 -11.42 -0.75
CA THR A 329 -16.58 -10.29 -0.54
C THR A 329 -17.73 -10.31 -1.53
N SER A 330 -17.40 -10.58 -2.78
CA SER A 330 -18.39 -10.64 -3.86
C SER A 330 -19.32 -11.84 -3.73
N GLN A 331 -18.82 -12.89 -3.07
CA GLN A 331 -19.61 -14.10 -2.83
C GLN A 331 -20.72 -13.84 -1.82
N ASP A 332 -20.35 -13.14 -0.75
CA ASP A 332 -21.29 -12.71 0.31
C ASP A 332 -22.37 -11.83 -0.28
N GLU A 333 -21.92 -10.81 -1.01
CA GLU A 333 -22.78 -9.79 -1.59
C GLU A 333 -23.65 -10.32 -2.73
N THR A 334 -23.23 -11.41 -3.37
CA THR A 334 -24.07 -12.08 -4.38
C THR A 334 -25.27 -12.74 -3.72
N LYS A 335 -25.02 -13.35 -2.57
CA LYS A 335 -26.08 -14.02 -1.79
C LYS A 335 -27.05 -12.99 -1.21
N GLU A 336 -26.49 -11.97 -0.56
CA GLU A 336 -27.30 -10.90 0.06
C GLU A 336 -28.20 -10.20 -0.96
N LEU A 337 -27.62 -9.81 -2.10
CA LEU A 337 -28.34 -9.07 -3.15
C LEU A 337 -29.51 -9.88 -3.71
N THR A 338 -29.28 -11.18 -3.90
CA THR A 338 -30.33 -12.09 -4.38
C THR A 338 -31.47 -12.22 -3.35
N ALA A 339 -31.10 -12.28 -2.08
CA ALA A 339 -32.06 -12.35 -0.97
C ALA A 339 -32.96 -11.12 -0.96
N ILE A 340 -32.31 -9.97 -1.07
CA ILE A 340 -32.99 -8.66 -1.04
C ILE A 340 -34.01 -8.55 -2.18
N PHE A 341 -33.55 -8.82 -3.40
CA PHE A 341 -34.44 -8.83 -4.58
C PHE A 341 -35.57 -9.84 -4.44
N HIS A 342 -35.27 -11.01 -3.87
CA HIS A 342 -36.28 -12.03 -3.61
C HIS A 342 -37.46 -11.47 -2.80
N LYS A 343 -37.14 -10.87 -1.66
CA LYS A 343 -38.14 -10.23 -0.80
C LYS A 343 -39.01 -9.24 -1.58
N MET A 344 -38.34 -8.41 -2.37
CA MET A 344 -38.99 -7.40 -3.22
C MET A 344 -39.85 -8.04 -4.31
N ASP A 345 -39.48 -9.27 -4.68
CA ASP A 345 -40.17 -10.02 -5.74
C ASP A 345 -41.49 -10.60 -5.24
N LYS A 346 -42.44 -9.70 -5.01
CA LYS A 346 -43.75 -10.04 -4.48
C LYS A 346 -44.52 -10.91 -5.48
N ASN A 347 -44.36 -10.57 -6.77
CA ASN A 347 -44.94 -11.35 -7.88
C ASN A 347 -44.41 -12.77 -7.90
N GLY A 348 -43.11 -12.89 -7.71
CA GLY A 348 -42.40 -14.16 -7.85
C GLY A 348 -42.05 -14.48 -9.28
N ASP A 349 -42.09 -13.48 -10.16
CA ASP A 349 -41.73 -13.68 -11.58
C ASP A 349 -40.27 -13.42 -11.88
N GLY A 350 -39.53 -12.99 -10.87
CA GLY A 350 -38.09 -12.74 -11.00
C GLY A 350 -37.71 -11.56 -11.85
N GLN A 351 -38.69 -10.71 -12.14
CA GLN A 351 -38.48 -9.54 -12.97
C GLN A 351 -38.78 -8.26 -12.20
N LEU A 352 -37.83 -7.33 -12.20
CA LEU A 352 -37.99 -6.06 -11.48
C LEU A 352 -37.76 -4.86 -12.40
N ASP A 353 -38.24 -3.71 -11.97
CA ASP A 353 -38.00 -2.49 -12.75
C ASP A 353 -36.79 -1.73 -12.21
N ARG A 354 -36.41 -0.69 -12.97
CA ARG A 354 -35.23 0.13 -12.65
C ARG A 354 -35.26 0.69 -11.23
N ALA A 355 -36.44 1.15 -10.81
CA ALA A 355 -36.64 1.70 -9.46
C ALA A 355 -36.29 0.67 -8.40
N GLU A 356 -36.91 -0.50 -8.55
CA GLU A 356 -36.80 -1.58 -7.58
C GLU A 356 -35.35 -2.07 -7.47
N LEU A 357 -34.69 -2.22 -8.62
CA LEU A 357 -33.28 -2.63 -8.69
C LEU A 357 -32.36 -1.66 -7.93
N ILE A 358 -32.62 -0.36 -8.06
CA ILE A 358 -31.84 0.68 -7.35
C ILE A 358 -32.05 0.61 -5.85
N GLU A 359 -33.31 0.49 -5.47
CA GLU A 359 -33.69 0.44 -4.09
C GLU A 359 -32.99 -0.72 -3.40
N GLY A 360 -33.00 -1.88 -4.06
CA GLY A 360 -32.38 -3.09 -3.52
C GLY A 360 -30.87 -2.98 -3.40
N TYR A 361 -30.28 -2.30 -4.36
CA TYR A 361 -28.85 -2.06 -4.41
C TYR A 361 -28.44 -1.20 -3.22
N LYS A 362 -29.27 -0.21 -2.96
CA LYS A 362 -29.10 0.67 -1.80
C LYS A 362 -29.30 -0.11 -0.51
N GLU A 363 -30.26 -1.02 -0.52
CA GLU A 363 -30.56 -1.85 0.64
C GLU A 363 -29.29 -2.61 0.99
N LEU A 364 -28.67 -3.18 -0.04
CA LEU A 364 -27.44 -3.98 0.16
C LEU A 364 -26.29 -3.11 0.63
N MET A 365 -26.23 -1.90 0.09
CA MET A 365 -25.16 -0.97 0.41
C MET A 365 -25.21 -0.63 1.88
N ARG A 366 -26.41 -0.39 2.37
CA ARG A 366 -26.60 -0.08 3.78
C ARG A 366 -26.21 -1.28 4.60
N MET A 367 -26.70 -2.42 4.14
CA MET A 367 -26.47 -3.70 4.82
C MET A 367 -25.06 -3.76 5.40
N ALA A 379 -25.16 8.49 -7.75
CA ALA A 379 -24.12 7.47 -7.80
C ALA A 379 -24.72 6.10 -8.02
N VAL A 380 -25.71 5.79 -7.19
CA VAL A 380 -26.40 4.50 -7.25
C VAL A 380 -27.16 4.34 -8.57
N GLU A 381 -27.87 5.39 -8.95
CA GLU A 381 -28.69 5.38 -10.17
C GLU A 381 -27.85 5.09 -11.39
N HIS A 382 -26.67 5.69 -11.44
CA HIS A 382 -25.74 5.49 -12.56
C HIS A 382 -25.15 4.08 -12.66
N GLU A 383 -24.80 3.47 -11.52
CA GLU A 383 -24.18 2.13 -11.54
C GLU A 383 -25.16 1.04 -12.02
N VAL A 384 -26.41 1.16 -11.56
CA VAL A 384 -27.50 0.29 -12.02
C VAL A 384 -27.69 0.46 -13.53
N ASP A 385 -27.63 1.70 -13.98
CA ASP A 385 -27.82 2.03 -15.41
C ASP A 385 -26.74 1.43 -16.32
N GLN A 386 -25.51 1.38 -15.81
CA GLN A 386 -24.44 0.70 -16.53
C GLN A 386 -24.78 -0.76 -16.71
N VAL A 387 -25.32 -1.34 -15.65
CA VAL A 387 -25.67 -2.76 -15.64
C VAL A 387 -26.77 -3.03 -16.65
N LEU A 388 -27.82 -2.22 -16.59
CA LEU A 388 -28.99 -2.34 -17.50
C LEU A 388 -28.60 -2.18 -18.98
N ASP A 389 -27.58 -1.38 -19.25
CA ASP A 389 -27.03 -1.20 -20.61
C ASP A 389 -26.73 -2.56 -21.24
N ALA A 390 -25.96 -3.36 -20.50
CA ALA A 390 -25.52 -4.69 -20.95
C ALA A 390 -26.71 -5.65 -20.99
N VAL A 391 -27.50 -5.63 -19.91
CA VAL A 391 -28.66 -6.52 -19.74
C VAL A 391 -29.74 -6.27 -20.78
N ASP A 392 -30.40 -5.12 -20.67
CA ASP A 392 -31.49 -4.76 -21.58
C ASP A 392 -31.24 -3.37 -22.18
N PHE A 393 -30.44 -3.35 -23.24
CA PHE A 393 -30.03 -2.10 -23.90
C PHE A 393 -31.23 -1.21 -24.25
N ASP A 394 -32.24 -1.81 -24.85
CA ASP A 394 -33.45 -1.07 -25.25
C ASP A 394 -34.27 -0.57 -24.05
N LYS A 395 -34.21 -1.30 -22.94
CA LYS A 395 -34.93 -0.95 -21.69
C LYS A 395 -36.44 -0.93 -21.90
N ASN A 396 -36.92 -1.92 -22.65
CA ASN A 396 -38.34 -2.03 -23.00
C ASN A 396 -39.25 -2.39 -21.85
N GLY A 397 -38.74 -3.17 -20.91
CA GLY A 397 -39.53 -3.55 -19.75
C GLY A 397 -38.80 -3.80 -18.45
N TYR A 398 -39.00 -5.02 -17.97
CA TYR A 398 -38.55 -5.44 -16.66
C TYR A 398 -37.29 -6.26 -16.84
N ILE A 399 -36.57 -6.41 -15.74
CA ILE A 399 -35.25 -7.05 -15.76
C ILE A 399 -35.23 -8.30 -14.92
N GLU A 400 -34.66 -9.37 -15.49
CA GLU A 400 -34.36 -10.56 -14.71
C GLU A 400 -33.33 -10.15 -13.67
N TYR A 401 -33.77 -10.01 -12.42
CA TYR A 401 -32.86 -9.53 -11.36
C TYR A 401 -31.68 -10.48 -11.12
N SER A 402 -31.88 -11.75 -11.43
CA SER A 402 -30.80 -12.76 -11.40
C SER A 402 -29.69 -12.36 -12.35
N GLU A 403 -30.06 -12.06 -13.59
CA GLU A 403 -29.11 -11.59 -14.62
C GLU A 403 -28.39 -10.32 -14.16
N PHE A 404 -29.12 -9.44 -13.48
CA PHE A 404 -28.59 -8.17 -12.96
C PHE A 404 -27.55 -8.40 -11.89
N VAL A 405 -27.87 -9.28 -10.95
CA VAL A 405 -26.96 -9.58 -9.83
C VAL A 405 -25.58 -9.94 -10.35
N THR A 406 -25.53 -10.89 -11.28
CA THR A 406 -24.29 -11.35 -11.92
C THR A 406 -23.43 -10.21 -12.46
N VAL A 407 -24.02 -9.44 -13.37
CA VAL A 407 -23.31 -8.33 -14.03
C VAL A 407 -22.84 -7.28 -13.00
N ALA A 408 -23.75 -6.95 -12.09
CA ALA A 408 -23.49 -5.95 -11.04
C ALA A 408 -22.24 -6.27 -10.24
N MET A 409 -22.10 -7.55 -9.88
CA MET A 409 -20.99 -8.00 -9.03
C MET A 409 -19.67 -8.02 -9.79
N ASP A 410 -19.75 -8.33 -11.09
CA ASP A 410 -18.58 -8.39 -11.97
C ASP A 410 -17.95 -7.01 -12.13
N ARG A 411 -18.78 -5.98 -12.11
CA ARG A 411 -18.30 -4.60 -12.21
C ARG A 411 -17.64 -4.16 -10.90
N LYS A 412 -18.10 -4.71 -9.79
CA LYS A 412 -17.53 -4.43 -8.47
C LYS A 412 -16.15 -5.08 -8.31
N THR A 413 -15.99 -6.25 -8.92
CA THR A 413 -14.74 -7.04 -8.82
C THR A 413 -13.71 -6.75 -9.93
N LEU A 414 -14.06 -5.84 -10.83
CA LEU A 414 -13.23 -5.54 -12.00
C LEU A 414 -11.86 -5.00 -11.58
N LEU A 415 -11.87 -3.98 -10.75
CA LEU A 415 -10.63 -3.31 -10.29
C LEU A 415 -9.58 -4.32 -9.83
N SER A 416 -10.00 -5.28 -9.00
CA SER A 416 -9.09 -6.32 -8.46
C SER A 416 -8.55 -7.30 -9.51
N ARG A 417 -9.43 -7.75 -10.42
CA ARG A 417 -9.06 -8.70 -11.49
C ARG A 417 -8.11 -8.11 -12.53
N GLU A 418 -8.35 -6.84 -12.87
CA GLU A 418 -7.51 -6.11 -13.82
C GLU A 418 -6.22 -5.72 -13.15
N ARG A 419 -6.32 -5.38 -11.87
CA ARG A 419 -5.13 -5.05 -11.08
C ARG A 419 -4.25 -6.28 -10.93
N LEU A 420 -4.87 -7.44 -10.76
CA LEU A 420 -4.13 -8.71 -10.65
C LEU A 420 -3.36 -8.96 -11.94
N GLU A 421 -4.08 -8.90 -13.06
CA GLU A 421 -3.49 -9.10 -14.40
C GLU A 421 -2.36 -8.11 -14.67
N ARG A 422 -2.60 -6.83 -14.41
CA ARG A 422 -1.55 -5.80 -14.53
C ARG A 422 -0.29 -6.13 -13.72
N ALA A 423 -0.48 -6.53 -12.46
CA ALA A 423 0.66 -6.86 -11.61
C ALA A 423 1.40 -8.07 -12.13
N PHE A 424 0.66 -9.07 -12.62
CA PHE A 424 1.24 -10.28 -13.25
C PHE A 424 2.08 -9.88 -14.45
N ARG A 425 1.51 -9.04 -15.32
CA ARG A 425 2.18 -8.60 -16.55
C ARG A 425 3.45 -7.84 -16.21
N MET A 426 3.35 -6.95 -15.24
CA MET A 426 4.50 -6.16 -14.80
C MET A 426 5.60 -7.00 -14.18
N PHE A 427 5.23 -7.98 -13.35
CA PHE A 427 6.19 -8.94 -12.77
C PHE A 427 6.93 -9.74 -13.85
N ASP A 428 6.20 -10.11 -14.89
CA ASP A 428 6.72 -10.86 -16.05
C ASP A 428 7.48 -9.94 -17.03
N SER A 429 8.67 -9.50 -16.61
CA SER A 429 9.41 -8.43 -17.31
C SER A 429 9.93 -8.83 -18.69
N ASP A 430 10.17 -10.12 -18.88
CA ASP A 430 10.62 -10.64 -20.20
CA ASP A 430 10.62 -10.66 -20.18
C ASP A 430 9.47 -10.99 -21.15
N ASN A 431 8.24 -10.74 -20.72
CA ASN A 431 7.04 -11.05 -21.53
C ASN A 431 7.00 -12.53 -21.95
N SER A 432 7.46 -13.38 -21.04
CA SER A 432 7.40 -14.83 -21.23
C SER A 432 5.96 -15.35 -21.10
N GLY A 433 5.13 -14.63 -20.38
CA GLY A 433 3.75 -15.07 -20.14
C GLY A 433 3.65 -16.13 -19.05
N LYS A 434 4.76 -16.39 -18.39
CA LYS A 434 4.78 -17.42 -17.36
C LYS A 434 5.57 -17.02 -16.13
N ILE A 435 5.16 -17.60 -15.01
CA ILE A 435 5.87 -17.45 -13.76
C ILE A 435 6.36 -18.81 -13.31
N SER A 436 7.65 -18.88 -13.04
CA SER A 436 8.28 -20.11 -12.57
C SER A 436 7.94 -20.47 -11.12
N SER A 437 8.20 -21.73 -10.83
CA SER A 437 7.94 -22.30 -9.50
C SER A 437 8.74 -21.62 -8.41
N THR A 438 9.96 -21.25 -8.75
CA THR A 438 10.82 -20.46 -7.88
C THR A 438 10.21 -19.09 -7.58
N GLU A 439 9.67 -18.47 -8.62
CA GLU A 439 9.04 -17.15 -8.48
C GLU A 439 7.78 -17.24 -7.66
N LEU A 440 7.04 -18.32 -7.86
CA LEU A 440 5.83 -18.57 -7.09
C LEU A 440 6.19 -18.71 -5.59
N ALA A 441 7.31 -19.35 -5.30
CA ALA A 441 7.72 -19.60 -3.90
C ALA A 441 7.98 -18.27 -3.20
N THR A 442 8.55 -17.34 -3.94
CA THR A 442 8.78 -15.98 -3.46
C THR A 442 7.45 -15.27 -3.26
N ILE A 443 6.63 -15.27 -4.31
CA ILE A 443 5.37 -14.55 -4.28
C ILE A 443 4.47 -15.02 -3.14
N PHE A 444 4.36 -16.34 -2.97
CA PHE A 444 3.47 -16.93 -1.94
C PHE A 444 4.06 -16.82 -0.53
N GLY A 445 5.38 -16.87 -0.42
CA GLY A 445 6.05 -16.70 0.86
C GLY A 445 5.78 -15.33 1.45
N VAL A 446 6.03 -14.31 0.63
CA VAL A 446 5.66 -12.92 0.91
C VAL A 446 4.16 -12.77 1.26
N SER A 447 3.33 -13.58 0.64
CA SER A 447 1.87 -13.59 0.88
C SER A 447 1.39 -14.46 2.05
N ASP A 448 2.31 -15.17 2.70
CA ASP A 448 1.99 -16.14 3.78
C ASP A 448 1.03 -17.22 3.31
N VAL A 449 1.28 -17.73 2.12
CA VAL A 449 0.56 -18.87 1.65
C VAL A 449 1.55 -20.00 1.78
N ASP A 450 1.13 -20.98 2.56
CA ASP A 450 1.96 -22.09 2.94
C ASP A 450 2.44 -22.88 1.71
N SER A 451 3.73 -23.19 1.68
CA SER A 451 4.38 -23.80 0.51
C SER A 451 3.69 -25.06 0.05
N GLU A 452 3.44 -25.94 1.01
CA GLU A 452 2.76 -27.20 0.73
C GLU A 452 1.34 -26.98 0.25
N THR A 453 0.68 -25.94 0.75
CA THR A 453 -0.69 -25.60 0.35
C THR A 453 -0.77 -25.18 -1.13
N TRP A 454 0.10 -24.26 -1.53
CA TRP A 454 0.01 -23.76 -2.92
C TRP A 454 0.41 -24.80 -3.98
N LYS A 455 1.42 -25.60 -3.66
CA LYS A 455 1.89 -26.69 -4.53
C LYS A 455 0.80 -27.73 -4.76
N SER A 456 0.07 -28.03 -3.69
CA SER A 456 -1.05 -28.95 -3.77
C SER A 456 -2.16 -28.38 -4.68
N VAL A 457 -2.43 -27.10 -4.53
CA VAL A 457 -3.44 -26.41 -5.36
C VAL A 457 -3.01 -26.38 -6.83
N LEU A 458 -1.71 -26.17 -7.07
CA LEU A 458 -1.17 -26.20 -8.44
C LEU A 458 -1.46 -27.55 -9.12
N SER A 459 -1.23 -28.62 -8.36
CA SER A 459 -1.41 -29.98 -8.85
C SER A 459 -2.85 -30.24 -9.27
N GLU A 460 -3.79 -29.68 -8.51
CA GLU A 460 -5.23 -29.80 -8.81
C GLU A 460 -5.59 -29.01 -10.07
N VAL A 461 -4.90 -27.89 -10.28
CA VAL A 461 -5.17 -27.03 -11.45
C VAL A 461 -4.59 -27.63 -12.72
N ASP A 462 -3.31 -28.02 -12.63
CA ASP A 462 -2.61 -28.65 -13.75
C ASP A 462 -1.73 -29.83 -13.31
N LYS A 463 -2.21 -31.05 -13.55
CA LYS A 463 -1.46 -32.25 -13.14
C LYS A 463 -0.11 -32.26 -13.81
N ASN A 464 -0.08 -31.79 -15.06
CA ASN A 464 1.13 -31.86 -15.88
C ASN A 464 1.86 -30.55 -15.98
N ASN A 465 1.81 -29.76 -14.91
CA ASN A 465 2.55 -28.51 -14.90
C ASN A 465 4.03 -28.85 -14.91
N ASP A 466 4.75 -27.92 -15.47
CA ASP A 466 6.12 -28.09 -15.85
C ASP A 466 6.97 -27.18 -14.97
N GLY A 467 6.47 -26.87 -13.79
CA GLY A 467 7.14 -25.93 -12.91
C GLY A 467 7.03 -24.47 -13.35
N GLU A 468 5.92 -24.14 -14.02
CA GLU A 468 5.58 -22.75 -14.34
C GLU A 468 4.09 -22.61 -14.63
N VAL A 469 3.58 -21.41 -14.45
CA VAL A 469 2.16 -21.14 -14.70
C VAL A 469 1.98 -19.91 -15.55
N ASP A 470 0.93 -19.92 -16.37
CA ASP A 470 0.50 -18.70 -17.05
C ASP A 470 -0.48 -17.97 -16.15
N PHE A 471 -0.99 -16.85 -16.64
CA PHE A 471 -1.87 -16.00 -15.83
C PHE A 471 -3.13 -16.71 -15.38
N ASP A 472 -3.78 -17.37 -16.33
CA ASP A 472 -5.05 -18.06 -16.03
C ASP A 472 -4.88 -19.12 -14.96
N GLU A 473 -3.78 -19.87 -15.04
CA GLU A 473 -3.48 -20.91 -14.05
C GLU A 473 -3.19 -20.30 -12.68
N PHE A 474 -2.40 -19.23 -12.67
CA PHE A 474 -2.15 -18.47 -11.44
C PHE A 474 -3.49 -18.05 -10.77
N GLN A 475 -4.37 -17.44 -11.57
CA GLN A 475 -5.70 -17.01 -11.12
C GLN A 475 -6.56 -18.18 -10.61
N GLN A 476 -6.49 -19.30 -11.33
CA GLN A 476 -7.15 -20.55 -10.88
C GLN A 476 -6.62 -20.98 -9.51
N MET A 477 -5.32 -20.90 -9.32
CA MET A 477 -4.71 -21.22 -8.01
C MET A 477 -5.28 -20.34 -6.90
N LEU A 478 -5.24 -19.04 -7.12
CA LEU A 478 -5.76 -18.07 -6.15
C LEU A 478 -7.21 -18.39 -5.78
N LEU A 479 -8.02 -18.76 -6.78
CA LEU A 479 -9.42 -19.07 -6.54
C LEU A 479 -9.52 -20.27 -5.61
N LYS A 480 -8.69 -21.26 -5.86
CA LYS A 480 -8.68 -22.47 -5.03
C LYS A 480 -8.16 -22.20 -3.61
N LEU A 481 -7.34 -21.17 -3.47
CA LEU A 481 -6.76 -20.80 -2.17
C LEU A 481 -7.71 -19.99 -1.29
N CYS A 482 -8.86 -19.64 -1.83
CA CYS A 482 -9.88 -18.91 -1.08
C CYS A 482 -11.24 -19.61 -1.18
N GLY A 483 -11.18 -20.94 -1.15
CA GLY A 483 -12.37 -21.78 -0.99
C GLY A 483 -13.18 -22.01 -2.26
N ASN A 484 -12.62 -21.58 -3.39
CA ASN A 484 -13.29 -21.71 -4.67
C ASN A 484 -12.60 -22.73 -5.56
#